data_6FF6
#
_entry.id   6FF6
#
_cell.length_a   113.661
_cell.length_b   41.953
_cell.length_c   58.263
_cell.angle_alpha   90.00
_cell.angle_beta   90.46
_cell.angle_gamma   90.00
#
_symmetry.space_group_name_H-M   'C 1 2 1'
#
_entity_poly.entity_id   1
_entity_poly.type   'polypeptide(L)'
_entity_poly.pdbx_seq_one_letter_code
;MGSSHHHHHHSSGLVPRGSHMFYQTFFDEADELLADMEQHLLDLVPESPDAEQLNAIFRAAHSIKGGAGTFGFTMLQYAV
ELMENMLDFARRGEMQLNTDIINLFLELKDLMQRMLDYYKNKPQSFYQAFFDMADVMLKVMEQLLKLLVPESPDAAMLNA
IFRAAHFIKGAAGTFGFTILQETTHLMENLLDEARRGEMQLNTDIINLFLETKDIMQEQLDAYKNSEEPDAASFEYICNA
LRQLALEAK
;
_entity_poly.pdbx_strand_id   A
#
# COMPACT_ATOMS: atom_id res chain seq x y z
N PHE A 22 0.05 3.35 5.70
CA PHE A 22 -0.99 4.34 5.96
C PHE A 22 -2.36 3.96 5.39
N TYR A 23 -2.38 3.31 4.21
CA TYR A 23 -3.56 2.85 3.50
C TYR A 23 -4.34 1.81 4.32
N GLN A 24 -3.67 0.72 4.76
CA GLN A 24 -4.28 -0.40 5.51
C GLN A 24 -4.91 0.01 6.83
N THR A 25 -4.34 1.03 7.51
CA THR A 25 -4.90 1.54 8.76
C THR A 25 -6.27 2.12 8.47
N PHE A 26 -6.38 2.88 7.37
CA PHE A 26 -7.66 3.42 6.95
C PHE A 26 -8.65 2.30 6.60
N PHE A 27 -8.24 1.31 5.79
CA PHE A 27 -9.08 0.19 5.38
C PHE A 27 -9.63 -0.61 6.55
N ASP A 28 -8.82 -0.84 7.59
CA ASP A 28 -9.25 -1.57 8.77
C ASP A 28 -10.25 -0.75 9.56
N GLU A 29 -9.97 0.54 9.76
CA GLU A 29 -10.86 1.47 10.48
C GLU A 29 -12.19 1.62 9.75
N ALA A 30 -12.13 1.88 8.42
CA ALA A 30 -13.32 2.07 7.59
C ALA A 30 -14.24 0.86 7.59
N ASP A 31 -13.67 -0.34 7.56
CA ASP A 31 -14.44 -1.60 7.62
C ASP A 31 -15.22 -1.68 8.90
N GLU A 32 -14.55 -1.33 10.03
CA GLU A 32 -15.11 -1.31 11.38
C GLU A 32 -16.24 -0.30 11.43
N LEU A 33 -16.00 0.92 10.87
CA LEU A 33 -17.01 1.98 10.84
C LEU A 33 -18.21 1.58 10.07
N LEU A 34 -18.02 0.87 8.96
CA LEU A 34 -19.15 0.46 8.14
C LEU A 34 -19.99 -0.60 8.82
N ALA A 35 -19.35 -1.46 9.61
CA ALA A 35 -20.01 -2.49 10.41
C ALA A 35 -20.85 -1.82 11.52
N ASP A 36 -20.32 -0.72 12.09
CA ASP A 36 -21.02 0.08 13.08
C ASP A 36 -22.21 0.78 12.45
N MET A 37 -21.99 1.43 11.28
CA MET A 37 -23.01 2.10 10.49
C MET A 37 -24.16 1.19 10.19
N GLU A 38 -23.84 -0.05 9.75
CA GLU A 38 -24.82 -1.09 9.42
C GLU A 38 -25.76 -1.39 10.62
N GLN A 39 -25.17 -1.58 11.81
CA GLN A 39 -25.95 -1.87 12.99
C GLN A 39 -26.83 -0.69 13.39
N HIS A 40 -26.29 0.56 13.35
CA HIS A 40 -27.05 1.76 13.68
C HIS A 40 -28.19 1.98 12.68
N LEU A 41 -27.95 1.73 11.40
CA LEU A 41 -29.00 1.87 10.39
C LEU A 41 -30.14 0.90 10.65
N LEU A 42 -29.77 -0.33 11.05
CA LEU A 42 -30.71 -1.39 11.36
C LEU A 42 -31.49 -1.09 12.60
N ASP A 43 -30.89 -0.30 13.52
CA ASP A 43 -31.55 0.07 14.77
C ASP A 43 -32.39 1.33 14.71
N LEU A 44 -32.52 1.94 13.54
CA LEU A 44 -33.31 3.15 13.33
C LEU A 44 -34.78 2.81 13.40
N VAL A 45 -35.58 3.70 14.08
CA VAL A 45 -37.02 3.57 14.17
C VAL A 45 -37.59 4.48 13.07
N PRO A 46 -38.21 3.89 12.02
CA PRO A 46 -38.73 4.71 10.90
C PRO A 46 -39.71 5.84 11.26
N GLU A 47 -40.59 5.59 12.24
CA GLU A 47 -41.58 6.57 12.66
C GLU A 47 -40.99 7.68 13.52
N SER A 48 -40.09 7.32 14.46
CA SER A 48 -39.45 8.27 15.38
C SER A 48 -37.97 7.91 15.53
N PRO A 49 -37.11 8.32 14.56
CA PRO A 49 -35.69 7.96 14.66
C PRO A 49 -34.95 8.70 15.76
N ASP A 50 -33.92 8.05 16.27
CA ASP A 50 -33.10 8.60 17.31
C ASP A 50 -32.00 9.43 16.64
N ALA A 51 -31.95 10.73 17.00
CA ALA A 51 -30.97 11.69 16.51
C ALA A 51 -29.56 11.23 16.90
N GLU A 52 -29.43 10.48 18.03
CA GLU A 52 -28.16 9.92 18.51
C GLU A 52 -27.62 8.85 17.57
N GLN A 53 -28.50 7.95 17.06
CA GLN A 53 -28.13 6.91 16.06
C GLN A 53 -27.80 7.56 14.74
N LEU A 54 -28.56 8.62 14.38
CA LEU A 54 -28.31 9.39 13.16
C LEU A 54 -26.98 10.07 13.20
N ASN A 55 -26.62 10.60 14.37
CA ASN A 55 -25.33 11.24 14.64
C ASN A 55 -24.21 10.27 14.57
N ALA A 56 -24.43 9.02 15.06
CA ALA A 56 -23.45 7.93 14.98
C ALA A 56 -23.15 7.56 13.54
N ILE A 57 -24.19 7.42 12.70
CA ILE A 57 -24.03 7.09 11.29
C ILE A 57 -23.30 8.23 10.59
N PHE A 58 -23.67 9.46 10.94
CA PHE A 58 -23.03 10.63 10.39
C PHE A 58 -21.55 10.70 10.74
N ARG A 59 -21.19 10.45 12.01
CA ARG A 59 -19.80 10.47 12.49
C ARG A 59 -18.93 9.47 11.77
N ALA A 60 -19.47 8.24 11.58
CA ALA A 60 -18.75 7.17 10.89
C ALA A 60 -18.56 7.56 9.43
N ALA A 61 -19.58 8.14 8.79
CA ALA A 61 -19.48 8.59 7.38
C ALA A 61 -18.49 9.74 7.26
N HIS A 62 -18.51 10.69 8.19
CA HIS A 62 -17.58 11.80 8.16
C HIS A 62 -16.12 11.32 8.28
N SER A 63 -15.86 10.36 9.22
CA SER A 63 -14.53 9.79 9.39
C SER A 63 -14.02 9.14 8.09
N ILE A 64 -14.86 8.34 7.43
CA ILE A 64 -14.51 7.68 6.18
C ILE A 64 -14.22 8.73 5.07
N LYS A 65 -15.02 9.81 4.99
CA LYS A 65 -14.83 10.91 4.03
C LYS A 65 -13.43 11.49 4.12
N GLY A 66 -12.97 11.76 5.35
CA GLY A 66 -11.65 12.32 5.61
C GLY A 66 -10.53 11.50 5.01
N GLY A 67 -10.56 10.19 5.29
CA GLY A 67 -9.58 9.24 4.77
C GLY A 67 -9.65 9.13 3.25
N ALA A 68 -10.87 9.06 2.71
CA ALA A 68 -11.10 8.98 1.26
C ALA A 68 -10.48 10.20 0.55
N GLY A 69 -10.67 11.39 1.13
CA GLY A 69 -10.07 12.62 0.62
C GLY A 69 -8.56 12.60 0.71
N THR A 70 -8.03 12.17 1.87
CA THR A 70 -6.58 12.07 2.13
C THR A 70 -5.86 11.23 1.06
N PHE A 71 -6.44 10.09 0.67
CA PHE A 71 -5.83 9.17 -0.27
C PHE A 71 -6.32 9.26 -1.72
N GLY A 72 -7.18 10.25 -2.00
CA GLY A 72 -7.74 10.48 -3.33
C GLY A 72 -8.73 9.44 -3.79
N PHE A 73 -9.40 8.75 -2.84
CA PHE A 73 -10.42 7.73 -3.14
C PHE A 73 -11.72 8.46 -3.56
N THR A 74 -11.71 8.97 -4.79
CA THR A 74 -12.76 9.82 -5.34
C THR A 74 -14.12 9.14 -5.43
N MET A 75 -14.17 7.89 -5.86
CA MET A 75 -15.44 7.17 -5.95
C MET A 75 -16.04 7.01 -4.57
N LEU A 76 -15.18 6.73 -3.58
CA LEU A 76 -15.60 6.58 -2.19
C LEU A 76 -16.08 7.94 -1.65
N GLN A 77 -15.30 9.02 -1.92
CA GLN A 77 -15.57 10.41 -1.52
C GLN A 77 -16.98 10.80 -1.95
N TYR A 78 -17.32 10.53 -3.22
CA TYR A 78 -18.63 10.85 -3.78
C TYR A 78 -19.76 10.05 -3.13
N ALA A 79 -19.55 8.75 -2.93
CA ALA A 79 -20.49 7.85 -2.22
C ALA A 79 -20.73 8.31 -0.77
N VAL A 80 -19.69 8.80 -0.09
CA VAL A 80 -19.77 9.28 1.29
C VAL A 80 -20.50 10.62 1.33
N GLU A 81 -20.15 11.56 0.43
CA GLU A 81 -20.81 12.89 0.34
C GLU A 81 -22.31 12.70 0.22
N LEU A 82 -22.72 11.74 -0.60
CA LEU A 82 -24.10 11.44 -0.86
C LEU A 82 -24.82 10.96 0.35
N MET A 83 -24.22 10.02 1.09
CA MET A 83 -24.84 9.58 2.33
C MET A 83 -24.87 10.72 3.36
N GLU A 84 -23.76 11.42 3.50
CA GLU A 84 -23.60 12.55 4.42
C GLU A 84 -24.72 13.51 4.27
N ASN A 85 -24.99 13.95 3.02
CA ASN A 85 -26.07 14.88 2.66
C ASN A 85 -27.44 14.40 3.12
N MET A 86 -27.77 13.14 2.82
CA MET A 86 -29.04 12.51 3.20
C MET A 86 -29.18 12.48 4.74
N LEU A 87 -28.09 12.07 5.44
CA LEU A 87 -28.00 11.98 6.89
C LEU A 87 -28.12 13.32 7.51
N ASP A 88 -27.55 14.38 6.88
CA ASP A 88 -27.62 15.73 7.42
C ASP A 88 -29.08 16.19 7.43
N PHE A 89 -29.86 15.82 6.38
CA PHE A 89 -31.29 16.12 6.36
C PHE A 89 -32.01 15.27 7.43
N ALA A 90 -31.64 14.00 7.54
CA ALA A 90 -32.27 13.10 8.49
C ALA A 90 -32.07 13.55 9.93
N ARG A 91 -30.82 13.81 10.33
CA ARG A 91 -30.47 14.19 11.70
C ARG A 91 -30.97 15.60 12.04
N ARG A 92 -31.08 16.47 11.05
CA ARG A 92 -31.57 17.82 11.31
C ARG A 92 -33.08 17.87 11.26
N GLY A 93 -33.69 16.93 10.54
CA GLY A 93 -35.15 16.82 10.45
C GLY A 93 -35.76 17.34 9.17
N GLU A 94 -34.90 17.66 8.17
CA GLU A 94 -35.33 18.12 6.85
C GLU A 94 -35.94 16.94 6.05
N MET A 95 -35.43 15.69 6.31
CA MET A 95 -35.92 14.48 5.64
C MET A 95 -36.91 13.69 6.53
N GLN A 96 -38.04 13.28 5.92
CA GLN A 96 -39.01 12.42 6.60
C GLN A 96 -38.51 10.99 6.38
N LEU A 97 -38.16 10.29 7.47
CA LEU A 97 -37.70 8.90 7.38
C LEU A 97 -38.87 7.94 7.19
N ASN A 98 -38.60 6.78 6.58
CA ASN A 98 -39.55 5.69 6.36
C ASN A 98 -38.73 4.47 5.97
N THR A 99 -39.37 3.31 5.77
CA THR A 99 -38.68 2.07 5.42
C THR A 99 -37.87 2.19 4.13
N ASP A 100 -38.46 2.79 3.08
CA ASP A 100 -37.83 2.98 1.76
C ASP A 100 -36.51 3.77 1.89
N ILE A 101 -36.55 4.89 2.63
CA ILE A 101 -35.42 5.78 2.87
C ILE A 101 -34.33 5.08 3.61
N ILE A 102 -34.71 4.28 4.62
CA ILE A 102 -33.75 3.48 5.38
C ILE A 102 -33.08 2.44 4.46
N ASN A 103 -33.83 1.85 3.53
CA ASN A 103 -33.27 0.88 2.57
C ASN A 103 -32.29 1.57 1.65
N LEU A 104 -32.57 2.83 1.27
CA LEU A 104 -31.68 3.64 0.43
C LEU A 104 -30.36 3.88 1.19
N PHE A 105 -30.45 4.20 2.51
CA PHE A 105 -29.32 4.40 3.39
C PHE A 105 -28.49 3.15 3.46
N LEU A 106 -29.13 1.99 3.44
CA LEU A 106 -28.38 0.73 3.47
C LEU A 106 -27.63 0.52 2.18
N GLU A 107 -28.24 0.88 1.07
CA GLU A 107 -27.63 0.79 -0.26
C GLU A 107 -26.46 1.75 -0.41
N LEU A 108 -26.55 2.94 0.20
CA LEU A 108 -25.49 3.94 0.18
C LEU A 108 -24.31 3.44 1.00
N LYS A 109 -24.61 2.79 2.17
CA LYS A 109 -23.64 2.15 3.05
C LYS A 109 -22.95 1.03 2.25
N ASP A 110 -23.73 0.22 1.49
CA ASP A 110 -23.16 -0.86 0.69
C ASP A 110 -22.30 -0.32 -0.41
N LEU A 111 -22.72 0.81 -1.02
CA LEU A 111 -21.95 1.49 -2.05
C LEU A 111 -20.59 1.93 -1.48
N MET A 112 -20.61 2.61 -0.30
CA MET A 112 -19.40 2.97 0.44
C MET A 112 -18.49 1.73 0.67
N GLN A 113 -19.09 0.58 1.03
CA GLN A 113 -18.36 -0.66 1.23
C GLN A 113 -17.74 -1.12 -0.09
N ARG A 114 -18.52 -1.12 -1.18
CA ARG A 114 -18.06 -1.56 -2.51
C ARG A 114 -16.93 -0.69 -3.06
N MET A 115 -17.03 0.64 -2.85
CA MET A 115 -16.04 1.64 -3.22
C MET A 115 -14.76 1.47 -2.42
N LEU A 116 -14.92 1.22 -1.14
CA LEU A 116 -13.79 0.97 -0.25
C LEU A 116 -13.05 -0.25 -0.73
N ASP A 117 -13.78 -1.33 -1.06
CA ASP A 117 -13.20 -2.56 -1.55
C ASP A 117 -12.55 -2.43 -2.92
N TYR A 118 -13.04 -1.45 -3.76
CA TYR A 118 -12.46 -1.16 -5.05
C TYR A 118 -11.02 -0.70 -4.82
N TYR A 119 -10.87 0.33 -3.99
CA TYR A 119 -9.59 0.93 -3.63
C TYR A 119 -8.72 0.03 -2.83
N LYS A 120 -9.31 -0.85 -2.01
CA LYS A 120 -8.59 -1.83 -1.19
C LYS A 120 -8.00 -2.85 -2.16
N ASN A 121 -8.80 -3.30 -3.15
CA ASN A 121 -8.35 -4.25 -4.14
C ASN A 121 -7.35 -3.59 -5.11
N LYS A 122 -7.80 -3.14 -6.30
CA LYS A 122 -7.00 -2.48 -7.34
C LYS A 122 -5.80 -3.32 -8.03
N PRO A 123 -5.51 -4.63 -7.76
CA PRO A 123 -4.37 -5.25 -8.41
C PRO A 123 -4.58 -5.80 -9.84
N GLN A 124 -3.66 -6.77 -10.20
CA GLN A 124 -3.45 -7.61 -11.38
C GLN A 124 -2.76 -6.88 -12.49
N SER A 125 -3.46 -5.91 -13.12
CA SER A 125 -2.91 -5.05 -14.18
C SER A 125 -1.80 -4.26 -13.50
N PHE A 126 -2.03 -3.92 -12.21
CA PHE A 126 -1.12 -3.19 -11.35
C PHE A 126 0.10 -4.06 -10.94
N TYR A 127 -0.13 -5.35 -10.65
CA TYR A 127 0.94 -6.29 -10.27
C TYR A 127 1.83 -6.55 -11.46
N GLN A 128 1.23 -6.77 -12.63
CA GLN A 128 1.90 -7.06 -13.89
C GLN A 128 2.80 -5.93 -14.36
N ALA A 129 2.32 -4.67 -14.24
CA ALA A 129 3.09 -3.48 -14.57
C ALA A 129 4.30 -3.43 -13.66
N PHE A 130 4.13 -3.74 -12.37
CA PHE A 130 5.25 -3.78 -11.44
C PHE A 130 6.25 -4.85 -11.80
N PHE A 131 5.77 -6.09 -12.03
CA PHE A 131 6.64 -7.24 -12.36
C PHE A 131 7.50 -6.93 -13.60
N ASP A 132 6.87 -6.47 -14.67
CA ASP A 132 7.51 -6.04 -15.91
C ASP A 132 8.54 -4.91 -15.65
N MET A 133 8.12 -3.83 -14.95
CA MET A 133 9.01 -2.71 -14.60
C MET A 133 10.24 -3.18 -13.81
N ALA A 134 10.02 -3.93 -12.70
CA ALA A 134 11.10 -4.44 -11.84
C ALA A 134 12.09 -5.31 -12.60
N ASP A 135 11.59 -6.21 -13.49
CA ASP A 135 12.41 -7.07 -14.36
C ASP A 135 13.44 -6.19 -15.12
N VAL A 136 12.96 -5.09 -15.73
CA VAL A 136 13.78 -4.15 -16.51
C VAL A 136 14.79 -3.39 -15.64
N MET A 137 14.34 -2.88 -14.48
CA MET A 137 15.22 -2.18 -13.53
C MET A 137 16.40 -3.04 -13.01
N LEU A 138 16.18 -4.36 -12.89
CA LEU A 138 17.22 -5.28 -12.43
C LEU A 138 18.28 -5.45 -13.50
N LYS A 139 17.84 -5.44 -14.78
CA LYS A 139 18.73 -5.52 -15.94
C LYS A 139 19.61 -4.29 -16.01
N VAL A 140 18.99 -3.11 -15.79
CA VAL A 140 19.72 -1.85 -15.79
C VAL A 140 20.80 -1.84 -14.68
N MET A 141 20.39 -2.24 -13.44
CA MET A 141 21.24 -2.34 -12.25
C MET A 141 22.44 -3.24 -12.54
N GLU A 142 22.16 -4.44 -13.09
CA GLU A 142 23.13 -5.46 -13.48
C GLU A 142 24.24 -4.89 -14.32
N GLN A 143 23.87 -4.24 -15.43
CA GLN A 143 24.79 -3.68 -16.39
C GLN A 143 25.61 -2.52 -15.84
N LEU A 144 24.98 -1.60 -15.05
CA LEU A 144 25.69 -0.47 -14.43
C LEU A 144 26.71 -0.94 -13.38
N LEU A 145 26.40 -2.04 -12.64
CA LEU A 145 27.32 -2.65 -11.68
C LEU A 145 28.55 -3.11 -12.47
N LYS A 146 28.31 -3.85 -13.57
CA LYS A 146 29.31 -4.40 -14.51
C LYS A 146 30.14 -3.31 -15.21
N LEU A 147 29.63 -2.07 -15.24
CA LEU A 147 30.34 -0.93 -15.82
C LEU A 147 31.16 -0.20 -14.74
N ASP A 154 32.15 6.03 -11.06
CA ASP A 154 31.29 7.13 -11.47
C ASP A 154 30.10 7.27 -10.53
N ALA A 155 30.02 8.41 -9.83
CA ALA A 155 28.95 8.71 -8.86
C ALA A 155 27.55 8.78 -9.48
N ALA A 156 27.48 9.20 -10.76
CA ALA A 156 26.23 9.31 -11.50
C ALA A 156 25.60 7.94 -11.74
N MET A 157 26.41 6.91 -12.07
CA MET A 157 25.94 5.53 -12.26
C MET A 157 25.55 4.93 -10.90
N LEU A 158 26.28 5.31 -9.84
CA LEU A 158 25.99 4.86 -8.48
C LEU A 158 24.69 5.48 -8.01
N ASN A 159 24.43 6.71 -8.44
CA ASN A 159 23.16 7.36 -8.14
C ASN A 159 22.01 6.61 -8.87
N ALA A 160 22.25 6.14 -10.12
CA ALA A 160 21.27 5.37 -10.92
C ALA A 160 20.93 4.00 -10.31
N ILE A 161 21.97 3.23 -9.90
CA ILE A 161 21.77 1.91 -9.30
C ILE A 161 21.00 2.13 -8.02
N PHE A 162 21.38 3.18 -7.25
CA PHE A 162 20.72 3.54 -6.00
C PHE A 162 19.23 3.78 -6.19
N ARG A 163 18.86 4.64 -7.14
CA ARG A 163 17.47 4.98 -7.40
C ARG A 163 16.65 3.80 -7.89
N ALA A 164 17.25 2.93 -8.76
CA ALA A 164 16.58 1.72 -9.24
C ALA A 164 16.28 0.78 -8.03
N ALA A 165 17.23 0.65 -7.11
CA ALA A 165 17.03 -0.13 -5.89
C ALA A 165 15.96 0.53 -5.03
N HIS A 166 16.01 1.88 -4.91
CA HIS A 166 15.04 2.67 -4.15
C HIS A 166 13.62 2.45 -4.66
N PHE A 167 13.43 2.40 -6.00
CA PHE A 167 12.13 2.15 -6.59
C PHE A 167 11.61 0.76 -6.21
N ILE A 168 12.44 -0.27 -6.40
CA ILE A 168 12.10 -1.66 -6.11
C ILE A 168 11.73 -1.82 -4.65
N LYS A 169 12.49 -1.19 -3.76
CA LYS A 169 12.20 -1.21 -2.32
C LYS A 169 10.84 -0.59 -2.05
N GLY A 170 10.63 0.63 -2.56
CA GLY A 170 9.38 1.37 -2.41
C GLY A 170 8.18 0.58 -2.88
N ALA A 171 8.25 0.07 -4.12
CA ALA A 171 7.25 -0.76 -4.77
C ALA A 171 6.99 -2.09 -4.01
N ALA A 172 8.07 -2.77 -3.54
CA ALA A 172 7.96 -4.00 -2.75
C ALA A 172 7.23 -3.70 -1.45
N GLY A 173 7.47 -2.51 -0.90
CA GLY A 173 6.81 -2.05 0.32
C GLY A 173 5.32 -1.88 0.03
N THR A 174 5.00 -1.31 -1.15
CA THR A 174 3.63 -1.12 -1.60
C THR A 174 2.86 -2.44 -1.64
N PHE A 175 3.47 -3.51 -2.15
CA PHE A 175 2.78 -4.80 -2.23
C PHE A 175 2.97 -5.74 -1.02
N GLY A 176 3.66 -5.27 0.02
CA GLY A 176 3.89 -6.08 1.22
C GLY A 176 4.92 -7.19 1.05
N PHE A 177 5.76 -7.07 0.01
CA PHE A 177 6.82 -8.03 -0.28
C PHE A 177 7.97 -7.74 0.69
N THR A 178 7.80 -8.15 1.95
CA THR A 178 8.76 -7.93 3.04
C THR A 178 10.17 -8.44 2.72
N ILE A 179 10.30 -9.69 2.24
CA ILE A 179 11.59 -10.31 1.90
C ILE A 179 12.30 -9.50 0.81
N LEU A 180 11.61 -9.14 -0.30
CA LEU A 180 12.19 -8.35 -1.43
C LEU A 180 12.61 -6.96 -0.98
N GLN A 181 11.75 -6.32 -0.17
CA GLN A 181 11.97 -4.98 0.33
C GLN A 181 13.21 -4.93 1.16
N GLU A 182 13.36 -5.88 2.11
CA GLU A 182 14.51 -5.95 2.97
C GLU A 182 15.82 -6.13 2.24
N THR A 183 15.86 -7.06 1.25
CA THR A 183 17.04 -7.35 0.45
C THR A 183 17.50 -6.11 -0.27
N THR A 184 16.56 -5.44 -0.97
CA THR A 184 16.81 -4.20 -1.70
C THR A 184 17.22 -3.07 -0.77
N HIS A 185 16.60 -2.96 0.43
CA HIS A 185 16.93 -1.92 1.40
C HIS A 185 18.36 -2.01 1.87
N LEU A 186 18.83 -3.23 2.19
CA LEU A 186 20.20 -3.45 2.64
C LEU A 186 21.20 -3.07 1.56
N MET A 187 20.91 -3.40 0.30
CA MET A 187 21.79 -3.04 -0.81
C MET A 187 21.73 -1.52 -1.02
N GLU A 188 20.54 -0.91 -0.88
CA GLU A 188 20.33 0.53 -1.01
C GLU A 188 21.20 1.33 -0.06
N ASN A 189 21.25 0.95 1.21
CA ASN A 189 22.07 1.62 2.21
C ASN A 189 23.56 1.60 1.81
N LEU A 190 24.02 0.44 1.30
CA LEU A 190 25.39 0.23 0.79
C LEU A 190 25.60 1.09 -0.45
N LEU A 191 24.59 1.19 -1.32
CA LEU A 191 24.65 2.03 -2.53
C LEU A 191 24.67 3.52 -2.18
N ASP A 192 24.02 3.91 -1.06
CA ASP A 192 23.99 5.29 -0.59
C ASP A 192 25.39 5.68 -0.11
N GLU A 193 26.07 4.79 0.63
CA GLU A 193 27.42 5.04 1.08
C GLU A 193 28.41 5.02 -0.10
N ALA A 194 28.15 4.16 -1.11
CA ALA A 194 28.97 4.07 -2.32
C ALA A 194 28.85 5.33 -3.18
N ARG A 195 27.63 5.86 -3.39
CA ARG A 195 27.41 7.06 -4.23
C ARG A 195 27.97 8.33 -3.59
N ARG A 196 27.84 8.46 -2.27
CA ARG A 196 28.32 9.62 -1.51
C ARG A 196 29.83 9.61 -1.40
N GLY A 197 30.41 8.42 -1.30
CA GLY A 197 31.85 8.24 -1.20
C GLY A 197 32.33 7.81 0.17
N GLU A 198 31.38 7.36 1.03
CA GLU A 198 31.67 6.88 2.37
C GLU A 198 32.27 5.47 2.33
N MET A 199 31.87 4.65 1.35
CA MET A 199 32.34 3.27 1.19
C MET A 199 33.13 3.03 -0.09
N GLN A 200 34.28 2.36 0.08
CA GLN A 200 35.19 1.95 -1.00
C GLN A 200 34.69 0.65 -1.64
N LEU A 201 34.56 0.65 -2.98
CA LEU A 201 34.06 -0.51 -3.73
C LEU A 201 35.21 -1.27 -4.38
N ASN A 202 35.04 -2.59 -4.57
CA ASN A 202 36.02 -3.50 -5.21
C ASN A 202 35.30 -4.61 -6.00
N THR A 203 36.06 -5.56 -6.63
CA THR A 203 35.46 -6.65 -7.41
C THR A 203 34.54 -7.53 -6.57
N ASP A 204 35.00 -7.95 -5.36
CA ASP A 204 34.23 -8.80 -4.45
C ASP A 204 32.86 -8.16 -4.11
N ILE A 205 32.86 -6.86 -3.71
CA ILE A 205 31.67 -6.07 -3.37
C ILE A 205 30.69 -6.02 -4.55
N ILE A 206 31.21 -5.72 -5.75
CA ILE A 206 30.41 -5.67 -6.98
C ILE A 206 29.76 -7.03 -7.28
N ASN A 207 30.53 -8.12 -7.12
CA ASN A 207 30.01 -9.47 -7.32
C ASN A 207 28.97 -9.85 -6.27
N LEU A 208 29.04 -9.24 -5.08
CA LEU A 208 28.05 -9.48 -4.06
C LEU A 208 26.75 -8.78 -4.47
N PHE A 209 26.89 -7.59 -5.06
CA PHE A 209 25.80 -6.77 -5.61
C PHE A 209 25.13 -7.50 -6.78
N LEU A 210 25.92 -8.15 -7.64
CA LEU A 210 25.41 -8.96 -8.76
C LEU A 210 24.65 -10.19 -8.24
N GLU A 211 25.18 -10.79 -7.16
CA GLU A 211 24.60 -11.96 -6.52
C GLU A 211 23.27 -11.56 -5.89
N THR A 212 23.25 -10.37 -5.22
CA THR A 212 22.04 -9.76 -4.63
C THR A 212 21.00 -9.60 -5.75
N LYS A 213 21.42 -9.04 -6.95
CA LYS A 213 20.53 -8.89 -8.11
C LYS A 213 19.85 -10.22 -8.45
N ASP A 214 20.62 -11.30 -8.57
CA ASP A 214 20.11 -12.64 -8.88
C ASP A 214 19.06 -13.11 -7.86
N ILE A 215 19.36 -12.87 -6.55
CA ILE A 215 18.47 -13.23 -5.45
C ILE A 215 17.17 -12.41 -5.56
N MET A 216 17.30 -11.10 -5.83
CA MET A 216 16.14 -10.21 -5.96
C MET A 216 15.24 -10.62 -7.13
N GLN A 217 15.83 -11.13 -8.23
CA GLN A 217 15.10 -11.65 -9.39
C GLN A 217 14.31 -12.91 -8.99
N GLU A 218 14.95 -13.81 -8.23
CA GLU A 218 14.29 -15.03 -7.73
C GLU A 218 13.16 -14.66 -6.77
N GLN A 219 13.37 -13.60 -5.93
CA GLN A 219 12.36 -13.11 -4.99
C GLN A 219 11.20 -12.56 -5.79
N LEU A 220 11.48 -11.75 -6.81
CA LEU A 220 10.48 -11.21 -7.74
C LEU A 220 9.68 -12.34 -8.45
N ASP A 221 10.39 -13.34 -9.00
CA ASP A 221 9.84 -14.53 -9.64
C ASP A 221 8.94 -15.36 -8.74
N ALA A 222 9.33 -15.56 -7.48
CA ALA A 222 8.53 -16.30 -6.52
C ALA A 222 7.19 -15.57 -6.37
N TYR A 223 7.21 -14.25 -6.10
CA TYR A 223 5.98 -13.45 -5.98
C TYR A 223 5.19 -13.44 -7.31
N LYS A 224 5.89 -13.43 -8.47
CA LYS A 224 5.28 -13.45 -9.80
C LYS A 224 4.43 -14.71 -9.97
N ASN A 225 4.88 -15.83 -9.40
CA ASN A 225 4.21 -17.13 -9.46
C ASN A 225 3.37 -17.42 -8.23
N SER A 226 3.09 -16.38 -7.42
CA SER A 226 2.29 -16.43 -6.19
C SER A 226 2.85 -17.46 -5.20
N GLU A 227 4.18 -17.50 -5.13
CA GLU A 227 4.96 -18.39 -4.26
C GLU A 227 5.68 -17.52 -3.26
N GLU A 228 6.28 -18.16 -2.25
CA GLU A 228 7.01 -17.44 -1.22
C GLU A 228 8.50 -17.52 -1.50
N PRO A 229 9.20 -16.36 -1.43
CA PRO A 229 10.64 -16.36 -1.74
C PRO A 229 11.47 -17.28 -0.85
N ASP A 230 12.68 -17.66 -1.34
CA ASP A 230 13.55 -18.57 -0.60
C ASP A 230 14.12 -17.90 0.65
N ALA A 231 13.77 -18.46 1.81
CA ALA A 231 14.21 -18.03 3.14
C ALA A 231 15.73 -18.24 3.33
N ALA A 232 16.27 -19.36 2.79
CA ALA A 232 17.70 -19.66 2.86
C ALA A 232 18.54 -18.63 2.13
N SER A 233 18.14 -18.23 0.93
CA SER A 233 18.79 -17.19 0.12
C SER A 233 18.68 -15.84 0.79
N PHE A 234 17.51 -15.55 1.40
CA PHE A 234 17.25 -14.31 2.08
C PHE A 234 18.20 -14.11 3.23
N GLU A 235 18.34 -15.13 4.10
CA GLU A 235 19.23 -15.10 5.24
C GLU A 235 20.69 -15.00 4.79
N TYR A 236 21.04 -15.76 3.75
CA TYR A 236 22.39 -15.77 3.20
C TYR A 236 22.78 -14.36 2.71
N ILE A 237 21.95 -13.75 1.83
CA ILE A 237 22.25 -12.44 1.27
C ILE A 237 22.20 -11.32 2.30
N CYS A 238 21.30 -11.41 3.28
CA CYS A 238 21.23 -10.38 4.30
C CYS A 238 22.43 -10.44 5.23
N ASN A 239 22.94 -11.65 5.52
CA ASN A 239 24.18 -11.76 6.31
C ASN A 239 25.34 -11.15 5.51
N ALA A 240 25.46 -11.51 4.21
CA ALA A 240 26.49 -11.03 3.33
C ALA A 240 26.44 -9.50 3.15
N LEU A 241 25.23 -8.89 3.03
CA LEU A 241 25.05 -7.43 2.88
C LEU A 241 25.43 -6.68 4.16
N ARG A 242 25.06 -7.23 5.32
CA ARG A 242 25.41 -6.61 6.61
C ARG A 242 26.89 -6.76 6.94
N GLN A 243 27.52 -7.85 6.45
CA GLN A 243 28.94 -8.17 6.57
C GLN A 243 29.72 -7.07 5.83
N LEU A 244 29.28 -6.76 4.61
CA LEU A 244 29.85 -5.71 3.75
C LEU A 244 29.68 -4.32 4.36
N ALA A 245 28.58 -4.08 5.08
CA ALA A 245 28.31 -2.80 5.77
C ALA A 245 29.30 -2.55 6.87
N LEU A 246 29.88 -3.62 7.41
CA LEU A 246 30.89 -3.60 8.45
C LEU A 246 32.27 -3.54 7.81
N GLU A 247 32.51 -4.41 6.80
CA GLU A 247 33.79 -4.57 6.08
C GLU A 247 34.22 -3.34 5.30
N ALA A 248 33.26 -2.61 4.69
CA ALA A 248 33.56 -1.41 3.92
C ALA A 248 33.89 -0.20 4.81
N LYS A 249 33.57 -0.31 6.11
CA LYS A 249 33.81 0.74 7.10
C LYS A 249 35.13 0.49 7.86
#